data_6QVA
#
_entry.id   6QVA
#
_cell.length_a   69.400
_cell.length_b   97.031
_cell.length_c   106.397
_cell.angle_alpha   90.00
_cell.angle_beta   90.00
_cell.angle_gamma   90.00
#
_symmetry.space_group_name_H-M   'I 2 2 2'
#
loop_
_entity.id
_entity.type
_entity.pdbx_description
1 polymer 'CHAD domain'
2 non-polymer 1,2-ETHANEDIOL
3 non-polymer 'bis[oxidanyl-[oxidanyl-[oxidanyl(phosphonooxy)phosphoryl]oxy-phosphoryl]oxy-phosphoryl] hydrogen phosphate'
4 non-polymer TRIPHOSPHATE
5 non-polymer 'PHOSPHATE ION'
6 water water
#
_entity_poly.entity_id   1
_entity_poly.type   'polypeptide(L)'
_entity_poly.pdbx_seq_one_letter_code
;GAMASKLRLQLDAHASIHENVRRLLQFTTSIMEANEEGIRKDIDSEFLHDFRVAIRRSRSILRLLNGVFDPEKTAWMLAG
LRELGKRTNDLRDSDVYLLRREEYTSLLPPSLRPALDPFFSDLEADKRLHHRQFCRYLTGREYSGFMTSLKEFIAEGELP
DPETAPLAAEPTGDVAAKTIRKALKKVLVHGRRTGSETSDAELHELRIDCKKLRYLLEFFASLFPPKATAQVLRQMKTLQ
DNLGTFVDLTVQMEFLQSRLETIPADRGGISEAAAIGGLLTTLYRKREKVREHFHEIFSGFDSNETGELFDELLTGLA
;
_entity_poly.pdbx_strand_id   A
#
loop_
_chem_comp.id
_chem_comp.type
_chem_comp.name
_chem_comp.formula
3PO non-polymer TRIPHOSPHATE 'H5 O10 P3'
9PI non-polymer 'bis[oxidanyl-[oxidanyl-[oxidanyl(phosphonooxy)phosphoryl]oxy-phosphoryl]oxy-phosphoryl] hydrogen phosphate' 'H11 O28 P9'
EDO non-polymer 1,2-ETHANEDIOL 'C2 H6 O2'
PO4 non-polymer 'PHOSPHATE ION' 'O4 P -3'
#
# COMPACT_ATOMS: atom_id res chain seq x y z
N ARG A 8 20.02 -2.15 1.69
CA ARG A 8 19.67 -1.75 3.08
C ARG A 8 19.30 -0.26 3.10
N LEU A 9 18.49 0.15 4.07
CA LEU A 9 18.20 1.58 4.38
C LEU A 9 18.81 1.92 5.74
N GLN A 10 19.98 2.58 5.72
CA GLN A 10 20.69 3.09 6.92
C GLN A 10 20.53 4.61 6.95
N LEU A 11 19.77 5.13 7.92
CA LEU A 11 19.62 6.58 8.16
C LEU A 11 20.79 7.08 8.98
N ASP A 12 21.17 8.35 8.81
CA ASP A 12 22.13 9.11 9.65
C ASP A 12 21.36 9.79 10.79
N ALA A 13 21.55 9.32 12.02
CA ALA A 13 20.79 9.71 13.23
C ALA A 13 20.85 11.23 13.45
N HIS A 14 21.94 11.91 13.07
CA HIS A 14 22.20 13.36 13.34
C HIS A 14 22.09 14.22 12.06
N ALA A 15 21.64 13.67 10.94
CA ALA A 15 21.54 14.43 9.67
C ALA A 15 20.19 15.15 9.62
N SER A 16 20.05 16.14 8.73
CA SER A 16 18.76 16.80 8.44
C SER A 16 17.76 15.75 7.96
N ILE A 17 16.47 15.99 8.16
CA ILE A 17 15.41 15.10 7.63
C ILE A 17 15.43 15.18 6.10
N HIS A 18 15.88 16.30 5.52
CA HIS A 18 16.17 16.43 4.07
C HIS A 18 17.10 15.29 3.63
N GLU A 19 18.27 15.13 4.25
CA GLU A 19 19.23 14.11 3.81
C GLU A 19 18.57 12.74 3.88
N ASN A 20 17.87 12.46 4.97
CA ASN A 20 17.32 11.12 5.29
C ASN A 20 16.13 10.77 4.40
N VAL A 21 15.31 11.77 3.99
CA VAL A 21 14.20 11.48 3.05
C VAL A 21 14.80 11.17 1.66
N ARG A 22 15.84 11.90 1.25
CA ARG A 22 16.56 11.68 -0.03
C ARG A 22 17.16 10.27 -0.03
N ARG A 23 17.67 9.82 1.11
CA ARG A 23 18.18 8.44 1.26
C ARG A 23 17.05 7.45 0.98
N LEU A 24 15.86 7.67 1.56
CA LEU A 24 14.67 6.80 1.36
C LEU A 24 14.33 6.71 -0.13
N LEU A 25 14.29 7.86 -0.80
CA LEU A 25 13.92 7.97 -2.23
C LEU A 25 14.98 7.32 -3.15
N GLN A 26 16.28 7.48 -2.85
CA GLN A 26 17.38 6.73 -3.54
C GLN A 26 17.08 5.24 -3.44
N PHE A 27 16.79 4.78 -2.22
CA PHE A 27 16.45 3.38 -1.87
C PHE A 27 15.22 2.90 -2.67
N THR A 28 14.09 3.64 -2.63
CA THR A 28 12.82 3.18 -3.24
C THR A 28 12.91 3.22 -4.77
N THR A 29 13.60 4.22 -5.35
CA THR A 29 13.83 4.31 -6.82
C THR A 29 14.79 3.19 -7.25
N SER A 30 15.72 2.75 -6.39
CA SER A 30 16.65 1.63 -6.70
CA SER A 30 16.64 1.63 -6.70
C SER A 30 15.87 0.31 -6.72
N ILE A 31 14.97 0.12 -5.75
CA ILE A 31 14.05 -1.06 -5.71
C ILE A 31 13.22 -1.07 -7.00
N MET A 32 12.63 0.07 -7.35
CA MET A 32 11.78 0.21 -8.57
C MET A 32 12.57 -0.23 -9.81
N GLU A 33 13.78 0.31 -10.00
CA GLU A 33 14.63 0.00 -11.19
C GLU A 33 15.05 -1.48 -11.14
N ALA A 34 15.31 -2.02 -9.96
CA ALA A 34 15.79 -3.41 -9.77
C ALA A 34 14.68 -4.43 -10.07
N ASN A 35 13.42 -4.00 -10.08
CA ASN A 35 12.25 -4.89 -10.32
C ASN A 35 11.79 -4.80 -11.79
N GLU A 36 12.37 -3.91 -12.59
CA GLU A 36 11.95 -3.62 -13.98
C GLU A 36 12.17 -4.86 -14.87
N GLU A 37 13.30 -5.58 -14.70
CA GLU A 37 13.65 -6.74 -15.56
CA GLU A 37 13.64 -6.73 -15.58
C GLU A 37 12.61 -7.84 -15.32
N GLY A 38 12.41 -8.20 -14.05
CA GLY A 38 11.46 -9.26 -13.64
C GLY A 38 10.05 -8.98 -14.13
N ILE A 39 9.61 -7.72 -14.08
CA ILE A 39 8.29 -7.26 -14.59
C ILE A 39 8.24 -7.53 -16.09
N ARG A 40 9.25 -7.09 -16.84
CA ARG A 40 9.29 -7.16 -18.32
C ARG A 40 9.31 -8.64 -18.75
N LYS A 41 10.06 -9.48 -18.04
CA LYS A 41 10.20 -10.93 -18.33
C LYS A 41 9.06 -11.71 -17.65
N ASP A 42 8.23 -11.05 -16.82
CA ASP A 42 6.98 -11.60 -16.25
C ASP A 42 7.31 -12.84 -15.42
N ILE A 43 8.36 -12.74 -14.59
CA ILE A 43 8.89 -13.89 -13.80
C ILE A 43 7.82 -14.35 -12.82
N ASP A 44 7.25 -13.38 -12.11
CA ASP A 44 6.39 -13.58 -10.91
C ASP A 44 5.71 -12.24 -10.58
N SER A 45 4.59 -12.29 -9.86
CA SER A 45 3.76 -11.13 -9.46
C SER A 45 4.49 -10.26 -8.44
N GLU A 46 5.46 -10.82 -7.74
CA GLU A 46 6.17 -10.20 -6.59
C GLU A 46 7.04 -9.04 -7.10
N PHE A 47 7.54 -9.12 -8.34
CA PHE A 47 8.36 -8.02 -8.94
C PHE A 47 7.54 -6.72 -9.04
N LEU A 48 6.30 -6.79 -9.54
CA LEU A 48 5.40 -5.61 -9.65
C LEU A 48 4.89 -5.21 -8.25
N HIS A 49 4.62 -6.17 -7.38
CA HIS A 49 4.23 -5.89 -5.97
C HIS A 49 5.28 -5.01 -5.30
N ASP A 50 6.56 -5.40 -5.36
CA ASP A 50 7.69 -4.66 -4.70
C ASP A 50 7.85 -3.30 -5.38
N PHE A 51 7.68 -3.24 -6.71
CA PHE A 51 7.69 -1.98 -7.51
C PHE A 51 6.60 -1.05 -6.96
N ARG A 52 5.39 -1.59 -6.72
CA ARG A 52 4.24 -0.78 -6.27
C ARG A 52 4.46 -0.33 -4.82
N VAL A 53 4.98 -1.20 -3.95
CA VAL A 53 5.18 -0.88 -2.52
C VAL A 53 6.21 0.27 -2.40
N ALA A 54 7.28 0.22 -3.19
CA ALA A 54 8.32 1.26 -3.26
C ALA A 54 7.66 2.61 -3.56
N ILE A 55 6.77 2.63 -4.53
CA ILE A 55 6.03 3.88 -4.93
C ILE A 55 5.15 4.33 -3.77
N ARG A 56 4.32 3.43 -3.24
CA ARG A 56 3.31 3.76 -2.20
C ARG A 56 4.05 4.31 -0.96
N ARG A 57 5.14 3.65 -0.57
CA ARG A 57 6.00 4.05 0.56
C ARG A 57 6.51 5.48 0.34
N SER A 58 7.07 5.75 -0.85
CA SER A 58 7.66 7.06 -1.23
C SER A 58 6.61 8.17 -1.13
N ARG A 59 5.43 7.97 -1.74
CA ARG A 59 4.32 8.95 -1.80
C ARG A 59 3.84 9.24 -0.38
N SER A 60 3.66 8.21 0.41
CA SER A 60 3.12 8.28 1.80
C SER A 60 4.07 9.10 2.69
N ILE A 61 5.38 8.84 2.66
CA ILE A 61 6.40 9.64 3.43
C ILE A 61 6.48 11.09 2.87
N LEU A 62 6.44 11.26 1.54
CA LEU A 62 6.42 12.64 0.95
C LEU A 62 5.24 13.46 1.49
N ARG A 63 4.05 12.86 1.59
CA ARG A 63 2.83 13.52 2.11
C ARG A 63 2.98 13.75 3.62
N LEU A 64 3.37 12.73 4.38
CA LEU A 64 3.50 12.82 5.86
C LEU A 64 4.57 13.85 6.23
N LEU A 65 5.66 13.98 5.44
CA LEU A 65 6.78 14.92 5.75
C LEU A 65 6.75 16.11 4.77
N ASN A 66 5.56 16.62 4.47
CA ASN A 66 5.36 17.79 3.57
C ASN A 66 6.03 19.00 4.24
N GLY A 67 6.91 19.70 3.49
CA GLY A 67 7.77 20.80 3.97
C GLY A 67 9.24 20.43 3.95
N VAL A 68 9.61 19.18 3.67
CA VAL A 68 11.03 18.73 3.57
C VAL A 68 11.58 19.23 2.21
N PHE A 69 10.76 19.28 1.17
CA PHE A 69 11.13 19.80 -0.17
C PHE A 69 10.28 21.00 -0.52
N ASP A 70 10.73 21.83 -1.47
CA ASP A 70 9.90 22.95 -2.00
C ASP A 70 8.53 22.41 -2.44
N PRO A 71 7.45 23.20 -2.27
CA PRO A 71 6.11 22.76 -2.66
C PRO A 71 6.01 22.22 -4.10
N GLU A 72 6.62 22.88 -5.09
CA GLU A 72 6.47 22.50 -6.52
C GLU A 72 7.19 21.16 -6.76
N LYS A 73 8.39 20.97 -6.19
CA LYS A 73 9.15 19.71 -6.29
C LYS A 73 8.36 18.59 -5.61
N THR A 74 7.74 18.90 -4.47
CA THR A 74 6.92 17.88 -3.75
C THR A 74 5.72 17.48 -4.63
N ALA A 75 4.97 18.48 -5.13
CA ALA A 75 3.79 18.28 -6.01
C ALA A 75 4.23 17.45 -7.22
N TRP A 76 5.36 17.80 -7.82
CA TRP A 76 5.94 17.09 -9.00
C TRP A 76 6.23 15.62 -8.67
N MET A 77 6.93 15.36 -7.58
CA MET A 77 7.28 13.99 -7.15
C MET A 77 5.99 13.20 -6.88
N LEU A 78 5.02 13.80 -6.17
CA LEU A 78 3.75 13.10 -5.84
C LEU A 78 3.01 12.76 -7.13
N ALA A 79 2.88 13.69 -8.06
CA ALA A 79 2.11 13.53 -9.31
C ALA A 79 2.76 12.47 -10.20
N GLY A 80 4.07 12.52 -10.37
CA GLY A 80 4.83 11.54 -11.17
C GLY A 80 4.73 10.14 -10.59
N LEU A 81 4.87 10.01 -9.27
CA LEU A 81 4.78 8.70 -8.59
C LEU A 81 3.34 8.17 -8.64
N ARG A 82 2.34 9.04 -8.50
CA ARG A 82 0.91 8.65 -8.63
C ARG A 82 0.64 8.09 -10.04
N GLU A 83 1.07 8.80 -11.10
CA GLU A 83 0.90 8.40 -12.51
C GLU A 83 1.54 7.01 -12.70
N LEU A 84 2.76 6.84 -12.24
CA LEU A 84 3.52 5.57 -12.31
C LEU A 84 2.74 4.42 -11.66
N GLY A 85 2.16 4.67 -10.47
CA GLY A 85 1.34 3.70 -9.73
C GLY A 85 0.09 3.35 -10.50
N LYS A 86 -0.57 4.35 -11.09
CA LYS A 86 -1.81 4.15 -11.87
C LYS A 86 -1.52 3.27 -13.08
N ARG A 87 -0.32 3.42 -13.67
CA ARG A 87 0.09 2.64 -14.86
C ARG A 87 0.22 1.14 -14.53
N THR A 88 0.41 0.78 -13.25
CA THR A 88 0.63 -0.60 -12.77
C THR A 88 -0.70 -1.31 -12.44
N ASN A 89 -1.78 -0.55 -12.25
CA ASN A 89 -3.03 -1.04 -11.60
C ASN A 89 -3.65 -2.20 -12.39
N ASP A 90 -3.77 -2.07 -13.72
CA ASP A 90 -4.49 -3.08 -14.53
C ASP A 90 -3.69 -4.40 -14.46
N LEU A 91 -2.38 -4.35 -14.66
CA LEU A 91 -1.48 -5.53 -14.60
C LEU A 91 -1.53 -6.15 -13.20
N ARG A 92 -1.50 -5.34 -12.13
CA ARG A 92 -1.56 -5.83 -10.73
C ARG A 92 -2.89 -6.56 -10.49
N ASP A 93 -4.01 -5.98 -10.94
CA ASP A 93 -5.37 -6.57 -10.78
C ASP A 93 -5.40 -7.95 -11.47
N SER A 94 -4.90 -8.02 -12.71
CA SER A 94 -4.82 -9.29 -13.47
C SER A 94 -4.12 -10.35 -12.62
N ASP A 95 -2.93 -10.02 -12.10
CA ASP A 95 -2.09 -10.95 -11.30
C ASP A 95 -2.89 -11.44 -10.10
N VAL A 96 -3.45 -10.50 -9.33
CA VAL A 96 -4.11 -10.75 -8.01
C VAL A 96 -5.27 -11.74 -8.22
N TYR A 97 -6.14 -11.50 -9.20
CA TYR A 97 -7.37 -12.30 -9.42
C TYR A 97 -7.00 -13.64 -10.06
N LEU A 98 -5.99 -13.70 -10.93
CA LEU A 98 -5.51 -14.99 -11.49
C LEU A 98 -4.93 -15.84 -10.35
N LEU A 99 -4.21 -15.20 -9.42
CA LEU A 99 -3.62 -15.88 -8.23
C LEU A 99 -4.71 -16.42 -7.29
N ARG A 100 -5.93 -15.84 -7.31
CA ARG A 100 -7.05 -16.29 -6.44
C ARG A 100 -7.89 -17.36 -7.14
N ARG A 101 -7.44 -17.92 -8.27
CA ARG A 101 -8.21 -18.90 -9.07
C ARG A 101 -8.62 -20.12 -8.21
N GLU A 102 -7.68 -20.80 -7.56
CA GLU A 102 -8.00 -22.02 -6.79
C GLU A 102 -8.89 -21.69 -5.56
N GLU A 103 -8.54 -20.63 -4.81
CA GLU A 103 -9.35 -20.11 -3.69
C GLU A 103 -10.80 -19.93 -4.15
N TYR A 104 -11.01 -19.13 -5.19
CA TYR A 104 -12.36 -18.77 -5.71
C TYR A 104 -13.10 -20.02 -6.20
N THR A 105 -12.40 -20.90 -6.93
CA THR A 105 -12.95 -22.18 -7.45
C THR A 105 -13.43 -23.07 -6.28
N SER A 106 -12.69 -23.10 -5.18
CA SER A 106 -12.92 -24.02 -4.04
C SER A 106 -14.08 -23.54 -3.16
N LEU A 107 -14.50 -22.28 -3.30
CA LEU A 107 -15.66 -21.68 -2.56
C LEU A 107 -17.00 -22.14 -3.17
N LEU A 108 -17.01 -22.50 -4.46
CA LEU A 108 -18.26 -22.74 -5.22
C LEU A 108 -18.62 -24.22 -5.16
N PRO A 109 -19.93 -24.56 -5.29
CA PRO A 109 -20.35 -25.93 -5.60
C PRO A 109 -19.80 -26.39 -6.93
N PRO A 110 -19.52 -27.71 -7.07
CA PRO A 110 -19.05 -28.28 -8.34
C PRO A 110 -19.84 -27.80 -9.56
N SER A 111 -21.15 -27.62 -9.42
CA SER A 111 -22.07 -27.22 -10.53
C SER A 111 -21.74 -25.81 -11.06
N LEU A 112 -21.14 -24.92 -10.26
CA LEU A 112 -20.92 -23.50 -10.63
C LEU A 112 -19.49 -23.22 -11.11
N ARG A 113 -18.56 -24.14 -10.91
CA ARG A 113 -17.11 -23.97 -11.22
C ARG A 113 -16.88 -23.84 -12.72
N PRO A 114 -17.50 -24.66 -13.61
CA PRO A 114 -17.21 -24.56 -15.05
C PRO A 114 -17.39 -23.13 -15.58
N ALA A 115 -18.27 -22.32 -15.00
CA ALA A 115 -18.53 -20.93 -15.44
C ALA A 115 -17.35 -20.02 -15.11
N LEU A 116 -16.51 -20.38 -14.14
CA LEU A 116 -15.25 -19.64 -13.82
C LEU A 116 -14.16 -19.85 -14.89
N ASP A 117 -14.18 -20.96 -15.66
CA ASP A 117 -13.13 -21.28 -16.67
C ASP A 117 -13.04 -20.12 -17.67
N PRO A 118 -14.13 -19.74 -18.39
CA PRO A 118 -14.07 -18.60 -19.31
C PRO A 118 -13.65 -17.30 -18.62
N PHE A 119 -14.07 -17.09 -17.38
CA PHE A 119 -13.71 -15.91 -16.56
C PHE A 119 -12.19 -15.83 -16.39
N PHE A 120 -11.53 -16.93 -16.02
CA PHE A 120 -10.07 -16.95 -15.77
C PHE A 120 -9.34 -16.88 -17.12
N SER A 121 -9.88 -17.51 -18.16
CA SER A 121 -9.33 -17.44 -19.53
C SER A 121 -9.29 -15.96 -19.95
N ASP A 122 -10.37 -15.22 -19.71
CA ASP A 122 -10.44 -13.78 -20.02
C ASP A 122 -9.43 -12.97 -19.20
N LEU A 123 -9.28 -13.28 -17.91
CA LEU A 123 -8.28 -12.56 -17.06
C LEU A 123 -6.86 -12.80 -17.62
N GLU A 124 -6.56 -14.02 -18.08
CA GLU A 124 -5.27 -14.39 -18.69
C GLU A 124 -5.04 -13.49 -19.90
N ALA A 125 -6.02 -13.38 -20.79
CA ALA A 125 -5.91 -12.56 -22.03
C ALA A 125 -5.67 -11.09 -21.64
N ASP A 126 -6.32 -10.61 -20.57
CA ASP A 126 -6.21 -9.21 -20.11
C ASP A 126 -4.83 -9.00 -19.47
N LYS A 127 -4.28 -10.02 -18.83
CA LYS A 127 -2.91 -9.96 -18.26
C LYS A 127 -1.93 -9.70 -19.41
N ARG A 128 -1.95 -10.51 -20.46
CA ARG A 128 -0.98 -10.43 -21.58
C ARG A 128 -1.05 -9.03 -22.20
N LEU A 129 -2.27 -8.52 -22.42
CA LEU A 129 -2.49 -7.15 -22.96
C LEU A 129 -1.90 -6.12 -22.00
N HIS A 130 -2.23 -6.21 -20.73
CA HIS A 130 -1.81 -5.26 -19.68
C HIS A 130 -0.30 -5.31 -19.54
N HIS A 131 0.29 -6.50 -19.58
CA HIS A 131 1.76 -6.71 -19.52
C HIS A 131 2.42 -5.98 -20.70
N ARG A 132 1.90 -6.15 -21.92
CA ARG A 132 2.40 -5.52 -23.17
C ARG A 132 2.38 -3.99 -23.00
N GLN A 133 1.24 -3.43 -22.60
CA GLN A 133 1.03 -1.97 -22.41
C GLN A 133 2.03 -1.40 -21.38
N PHE A 134 2.26 -2.10 -20.26
CA PHE A 134 3.11 -1.58 -19.16
C PHE A 134 4.58 -1.60 -19.57
N CYS A 135 4.99 -2.63 -20.32
CA CYS A 135 6.35 -2.78 -20.91
C CYS A 135 6.65 -1.66 -21.90
N ARG A 136 5.70 -1.34 -22.78
CA ARG A 136 5.81 -0.22 -23.75
C ARG A 136 5.96 1.09 -22.96
N TYR A 137 5.24 1.25 -21.84
CA TYR A 137 5.31 2.46 -21.00
C TYR A 137 6.67 2.54 -20.27
N LEU A 138 7.18 1.40 -19.77
CA LEU A 138 8.47 1.29 -19.06
C LEU A 138 9.65 1.65 -19.98
N THR A 139 9.64 1.23 -21.24
CA THR A 139 10.72 1.50 -22.24
C THR A 139 10.45 2.81 -22.97
N GLY A 140 9.30 3.45 -22.76
CA GLY A 140 8.97 4.77 -23.36
C GLY A 140 9.77 5.89 -22.72
N ARG A 141 9.65 7.11 -23.26
CA ARG A 141 10.53 8.25 -22.96
C ARG A 141 9.95 9.08 -21.80
N GLU A 142 8.64 8.99 -21.56
CA GLU A 142 7.97 9.72 -20.45
C GLU A 142 8.41 9.09 -19.12
N TYR A 143 8.45 7.75 -19.03
CA TYR A 143 8.91 7.02 -17.82
C TYR A 143 10.39 7.30 -17.60
N SER A 144 11.15 7.10 -18.68
CA SER A 144 12.61 7.29 -18.74
C SER A 144 13.00 8.70 -18.27
N GLY A 145 12.33 9.72 -18.79
CA GLY A 145 12.67 11.12 -18.46
C GLY A 145 12.33 11.43 -17.01
N PHE A 146 11.18 10.98 -16.52
CA PHE A 146 10.76 11.22 -15.11
C PHE A 146 11.77 10.59 -14.12
N MET A 147 12.20 9.36 -14.37
CA MET A 147 13.14 8.60 -13.46
C MET A 147 14.52 9.24 -13.48
N THR A 148 14.97 9.73 -14.64
CA THR A 148 16.25 10.48 -14.79
C THR A 148 16.19 11.72 -13.88
N SER A 149 15.14 12.53 -14.07
CA SER A 149 14.88 13.79 -13.33
C SER A 149 14.74 13.54 -11.83
N LEU A 150 13.97 12.52 -11.43
CA LEU A 150 13.79 12.14 -10.01
C LEU A 150 15.15 11.79 -9.39
N LYS A 151 15.92 10.93 -10.04
CA LYS A 151 17.29 10.51 -9.65
C LYS A 151 18.20 11.73 -9.52
N GLU A 152 18.12 12.67 -10.47
CA GLU A 152 18.96 13.91 -10.45
C GLU A 152 18.56 14.74 -9.23
N PHE A 153 17.25 14.92 -9.03
CA PHE A 153 16.73 15.80 -7.96
C PHE A 153 17.14 15.26 -6.57
N ILE A 154 17.07 13.97 -6.34
CA ILE A 154 17.32 13.39 -5.00
C ILE A 154 18.82 13.28 -4.73
N ALA A 155 19.66 13.49 -5.77
CA ALA A 155 21.12 13.61 -5.67
C ALA A 155 21.53 15.04 -5.33
N GLU A 156 20.60 16.00 -5.33
CA GLU A 156 20.84 17.43 -4.98
C GLU A 156 20.85 17.54 -3.45
N GLY A 157 22.03 17.80 -2.88
CA GLY A 157 22.26 17.83 -1.43
C GLY A 157 21.96 19.20 -0.82
N GLU A 158 22.05 20.28 -1.62
CA GLU A 158 21.72 21.66 -1.18
C GLU A 158 20.43 21.63 -0.37
N LEU A 159 20.42 22.20 0.84
CA LEU A 159 19.14 22.44 1.57
C LEU A 159 18.31 23.41 0.74
N PRO A 160 16.99 23.19 0.60
CA PRO A 160 16.14 24.15 -0.08
C PRO A 160 15.92 25.40 0.80
N ASP A 161 15.37 26.44 0.19
CA ASP A 161 14.97 27.69 0.89
C ASP A 161 14.17 27.33 2.13
N PRO A 162 14.67 27.61 3.35
CA PRO A 162 13.93 27.29 4.58
C PRO A 162 12.52 27.91 4.62
N GLU A 163 12.31 29.06 4.00
CA GLU A 163 11.01 29.77 4.05
C GLU A 163 9.94 28.97 3.30
N THR A 164 10.32 28.23 2.25
CA THR A 164 9.40 27.49 1.36
C THR A 164 9.42 26.00 1.71
N ALA A 165 10.50 25.50 2.31
CA ALA A 165 10.64 24.11 2.79
C ALA A 165 11.08 24.13 4.25
N PRO A 166 10.17 24.54 5.18
CA PRO A 166 10.59 24.80 6.57
C PRO A 166 10.97 23.55 7.38
N LEU A 167 10.67 22.35 6.89
CA LEU A 167 11.00 21.10 7.63
C LEU A 167 12.40 20.57 7.24
N ALA A 168 12.94 20.98 6.09
CA ALA A 168 14.14 20.40 5.45
C ALA A 168 15.31 20.32 6.45
N ALA A 169 15.62 21.44 7.10
CA ALA A 169 16.83 21.58 7.96
C ALA A 169 16.65 20.93 9.34
N GLU A 170 15.46 20.42 9.68
CA GLU A 170 15.16 19.88 11.01
C GLU A 170 15.95 18.60 11.30
N PRO A 171 16.35 18.38 12.57
CA PRO A 171 16.96 17.11 13.00
C PRO A 171 16.00 15.93 12.83
N THR A 172 16.52 14.86 12.24
CA THR A 172 15.75 13.65 11.88
C THR A 172 15.04 13.11 13.13
N GLY A 173 15.76 12.98 14.25
CA GLY A 173 15.22 12.31 15.46
C GLY A 173 13.94 12.99 15.93
N ASP A 174 13.92 14.31 16.00
CA ASP A 174 12.75 15.10 16.48
C ASP A 174 11.59 14.98 15.48
N VAL A 175 11.85 15.07 14.17
CA VAL A 175 10.78 14.87 13.15
C VAL A 175 10.18 13.47 13.33
N ALA A 176 11.03 12.45 13.49
CA ALA A 176 10.60 11.04 13.70
C ALA A 176 9.67 10.98 14.93
N ALA A 177 10.15 11.39 16.11
CA ALA A 177 9.37 11.46 17.38
C ALA A 177 8.00 12.09 17.10
N LYS A 178 8.02 13.29 16.51
CA LYS A 178 6.83 14.14 16.30
C LYS A 178 5.84 13.42 15.34
N THR A 179 6.29 12.94 14.19
CA THR A 179 5.42 12.31 13.15
C THR A 179 4.94 10.93 13.64
N ILE A 180 5.77 10.14 14.32
CA ILE A 180 5.32 8.81 14.83
C ILE A 180 4.24 9.01 15.92
N ARG A 181 4.42 9.94 16.86
CA ARG A 181 3.41 10.18 17.94
C ARG A 181 2.09 10.69 17.35
N LYS A 182 2.15 11.58 16.38
CA LYS A 182 0.97 12.08 15.63
C LYS A 182 0.24 10.92 14.93
N ALA A 183 0.95 10.12 14.14
CA ALA A 183 0.38 8.94 13.44
C ALA A 183 -0.28 7.96 14.44
N LEU A 184 0.38 7.69 15.56
CA LEU A 184 -0.14 6.80 16.65
C LEU A 184 -1.41 7.38 17.24
N LYS A 185 -1.39 8.67 17.60
CA LYS A 185 -2.56 9.37 18.17
C LYS A 185 -3.73 9.29 17.17
N LYS A 186 -3.48 9.46 15.88
CA LYS A 186 -4.57 9.50 14.89
C LYS A 186 -5.22 8.11 14.84
N VAL A 187 -4.42 7.04 14.99
CA VAL A 187 -4.90 5.64 15.00
C VAL A 187 -5.75 5.40 16.25
N LEU A 188 -5.26 5.78 17.43
CA LEU A 188 -5.93 5.53 18.74
C LEU A 188 -7.25 6.34 18.81
N VAL A 189 -7.23 7.59 18.37
CA VAL A 189 -8.40 8.52 18.44
C VAL A 189 -9.48 8.02 17.47
N HIS A 190 -9.14 7.78 16.21
CA HIS A 190 -10.11 7.31 15.18
C HIS A 190 -10.63 5.93 15.59
N GLY A 191 -9.76 5.09 16.16
CA GLY A 191 -10.11 3.74 16.68
C GLY A 191 -11.09 3.82 17.85
N ARG A 192 -10.87 4.74 18.79
CA ARG A 192 -11.76 4.97 19.97
C ARG A 192 -13.12 5.51 19.51
N ARG A 193 -13.14 6.35 18.47
CA ARG A 193 -14.38 7.00 17.97
C ARG A 193 -15.30 5.94 17.36
N THR A 194 -14.76 4.90 16.73
CA THR A 194 -15.56 3.82 16.09
C THR A 194 -16.28 3.07 17.22
N GLY A 195 -17.58 3.30 17.37
CA GLY A 195 -18.44 2.55 18.28
C GLY A 195 -18.82 1.21 17.66
N SER A 196 -20.01 0.71 18.02
CA SER A 196 -20.54 -0.62 17.60
C SER A 196 -20.94 -0.61 16.11
N GLU A 197 -21.11 0.58 15.50
CA GLU A 197 -21.52 0.73 14.07
C GLU A 197 -20.46 0.08 13.17
N THR A 198 -19.18 0.23 13.53
CA THR A 198 -18.00 -0.35 12.83
C THR A 198 -18.24 -0.31 11.31
N SER A 199 -18.38 0.90 10.75
CA SER A 199 -18.77 1.16 9.34
C SER A 199 -17.58 0.90 8.41
N ASP A 200 -17.86 0.75 7.11
CA ASP A 200 -16.83 0.53 6.07
C ASP A 200 -15.90 1.76 6.04
N ALA A 201 -16.46 2.96 6.05
CA ALA A 201 -15.71 4.25 6.00
C ALA A 201 -14.74 4.33 7.19
N GLU A 202 -15.23 4.06 8.40
CA GLU A 202 -14.46 4.01 9.68
C GLU A 202 -13.24 3.09 9.53
N LEU A 203 -13.41 1.85 9.04
CA LEU A 203 -12.34 0.84 8.96
C LEU A 203 -11.36 1.20 7.83
N HIS A 204 -11.84 1.76 6.73
CA HIS A 204 -11.03 2.12 5.54
C HIS A 204 -10.04 3.23 5.93
N GLU A 205 -10.52 4.28 6.60
CA GLU A 205 -9.70 5.36 7.18
C GLU A 205 -8.63 4.77 8.11
N LEU A 206 -9.05 3.88 9.01
CA LEU A 206 -8.20 3.35 10.10
C LEU A 206 -7.08 2.50 9.50
N ARG A 207 -7.36 1.78 8.41
CA ARG A 207 -6.34 1.02 7.67
C ARG A 207 -5.27 1.99 7.15
N ILE A 208 -5.69 3.10 6.57
CA ILE A 208 -4.77 4.14 6.02
C ILE A 208 -3.93 4.71 7.16
N ASP A 209 -4.58 5.10 8.25
CA ASP A 209 -3.92 5.61 9.47
C ASP A 209 -2.82 4.63 9.88
N CYS A 210 -3.12 3.33 9.96
CA CYS A 210 -2.17 2.27 10.39
C CYS A 210 -1.03 2.15 9.39
N LYS A 211 -1.34 2.19 8.10
CA LYS A 211 -0.34 2.15 7.00
C LYS A 211 0.69 3.28 7.17
N LYS A 212 0.20 4.50 7.42
CA LYS A 212 1.04 5.72 7.60
C LYS A 212 1.98 5.53 8.79
N LEU A 213 1.46 5.05 9.91
CA LEU A 213 2.27 4.77 11.11
C LEU A 213 3.34 3.73 10.77
N ARG A 214 2.98 2.64 10.07
CA ARG A 214 3.92 1.52 9.78
C ARG A 214 5.01 2.02 8.81
N TYR A 215 4.64 2.83 7.83
CA TYR A 215 5.61 3.44 6.86
C TYR A 215 6.63 4.29 7.61
N LEU A 216 6.18 5.13 8.55
CA LEU A 216 7.07 6.01 9.34
C LEU A 216 8.01 5.15 10.18
N LEU A 217 7.46 4.16 10.89
CA LEU A 217 8.24 3.22 11.74
C LEU A 217 9.33 2.56 10.91
N GLU A 218 8.99 2.09 9.72
CA GLU A 218 9.93 1.34 8.86
C GLU A 218 11.01 2.29 8.32
N PHE A 219 10.64 3.53 7.99
CA PHE A 219 11.57 4.56 7.47
C PHE A 219 12.58 4.91 8.56
N PHE A 220 12.12 5.14 9.79
CA PHE A 220 12.92 5.66 10.93
C PHE A 220 13.53 4.53 11.76
N ALA A 221 13.27 3.26 11.40
CA ALA A 221 13.74 2.05 12.13
C ALA A 221 15.18 2.24 12.62
N SER A 222 16.12 2.57 11.73
CA SER A 222 17.58 2.53 11.99
C SER A 222 18.00 3.60 13.02
N LEU A 223 17.11 4.50 13.42
CA LEU A 223 17.39 5.53 14.47
C LEU A 223 17.28 4.90 15.86
N PHE A 224 16.49 3.84 16.03
CA PHE A 224 16.09 3.29 17.35
C PHE A 224 16.84 2.00 17.62
N PRO A 225 16.90 1.53 18.89
CA PRO A 225 17.38 0.17 19.17
C PRO A 225 16.46 -0.82 18.42
N PRO A 226 17.04 -1.76 17.62
CA PRO A 226 16.23 -2.56 16.70
C PRO A 226 15.13 -3.39 17.36
N LYS A 227 15.31 -3.77 18.64
CA LYS A 227 14.34 -4.56 19.42
C LYS A 227 13.05 -3.75 19.62
N ALA A 228 13.16 -2.46 19.97
CA ALA A 228 12.02 -1.57 20.27
C ALA A 228 11.16 -1.45 19.01
N THR A 229 11.78 -1.24 17.86
CA THR A 229 11.11 -1.13 16.54
C THR A 229 10.40 -2.45 16.19
N ALA A 230 11.07 -3.60 16.35
CA ALA A 230 10.50 -4.93 16.04
C ALA A 230 9.25 -5.15 16.92
N GLN A 231 9.32 -4.81 18.21
CA GLN A 231 8.22 -5.06 19.18
C GLN A 231 7.03 -4.15 18.83
N VAL A 232 7.29 -2.89 18.48
CA VAL A 232 6.22 -1.91 18.11
C VAL A 232 5.54 -2.37 16.81
N LEU A 233 6.33 -2.83 15.84
CA LEU A 233 5.81 -3.38 14.56
C LEU A 233 4.95 -4.61 14.83
N ARG A 234 5.39 -5.47 15.74
CA ARG A 234 4.66 -6.69 16.14
C ARG A 234 3.34 -6.31 16.83
N GLN A 235 3.38 -5.38 17.79
CA GLN A 235 2.23 -4.97 18.62
C GLN A 235 1.10 -4.51 17.70
N MET A 236 1.44 -3.99 16.51
CA MET A 236 0.55 -3.41 15.46
C MET A 236 -0.07 -4.50 14.58
N LYS A 237 0.60 -5.63 14.41
CA LYS A 237 0.41 -6.54 13.25
C LYS A 237 -1.05 -7.01 13.16
N THR A 238 -1.64 -7.45 14.26
CA THR A 238 -3.00 -8.03 14.31
C THR A 238 -3.99 -6.96 13.88
N LEU A 239 -3.83 -5.72 14.34
CA LEU A 239 -4.72 -4.63 13.91
C LEU A 239 -4.59 -4.38 12.38
N GLN A 240 -3.38 -4.28 11.87
CA GLN A 240 -3.15 -3.97 10.43
C GLN A 240 -3.62 -5.12 9.54
N ASP A 241 -3.37 -6.36 9.96
CA ASP A 241 -3.86 -7.60 9.31
C ASP A 241 -5.40 -7.56 9.22
N ASN A 242 -6.07 -7.25 10.32
CA ASN A 242 -7.54 -7.23 10.39
C ASN A 242 -8.07 -6.16 9.42
N LEU A 243 -7.53 -4.95 9.47
CA LEU A 243 -7.96 -3.83 8.59
C LEU A 243 -7.60 -4.15 7.14
N GLY A 244 -6.40 -4.66 6.91
CA GLY A 244 -5.92 -5.11 5.59
C GLY A 244 -6.89 -6.09 4.95
N THR A 245 -7.27 -7.13 5.69
CA THR A 245 -8.19 -8.19 5.23
C THR A 245 -9.56 -7.56 4.94
N PHE A 246 -10.06 -6.72 5.85
CA PHE A 246 -11.40 -6.10 5.71
C PHE A 246 -11.46 -5.33 4.40
N VAL A 247 -10.45 -4.47 4.14
CA VAL A 247 -10.35 -3.63 2.91
C VAL A 247 -10.11 -4.54 1.68
N ASP A 248 -9.24 -5.53 1.80
CA ASP A 248 -8.93 -6.50 0.72
C ASP A 248 -10.25 -7.12 0.24
N LEU A 249 -11.07 -7.63 1.17
CA LEU A 249 -12.37 -8.28 0.90
C LEU A 249 -13.34 -7.28 0.29
N THR A 250 -13.34 -6.02 0.77
CA THR A 250 -14.15 -4.91 0.23
C THR A 250 -13.82 -4.68 -1.24
N VAL A 251 -12.53 -4.53 -1.58
CA VAL A 251 -12.00 -4.24 -2.96
C VAL A 251 -12.37 -5.43 -3.88
N GLN A 252 -12.20 -6.66 -3.40
CA GLN A 252 -12.60 -7.89 -4.14
C GLN A 252 -14.08 -7.86 -4.49
N MET A 253 -14.94 -7.43 -3.56
CA MET A 253 -16.42 -7.45 -3.75
C MET A 253 -16.80 -6.33 -4.70
N GLU A 254 -16.05 -5.22 -4.67
CA GLU A 254 -16.29 -4.08 -5.61
C GLU A 254 -15.94 -4.53 -7.02
N PHE A 255 -14.86 -5.29 -7.18
CA PHE A 255 -14.43 -5.84 -8.49
C PHE A 255 -15.51 -6.80 -9.01
N LEU A 256 -15.95 -7.76 -8.18
CA LEU A 256 -16.92 -8.80 -8.58
C LEU A 256 -18.28 -8.14 -8.85
N GLN A 257 -18.68 -7.17 -8.02
CA GLN A 257 -19.91 -6.39 -8.21
C GLN A 257 -19.87 -5.69 -9.58
N SER A 258 -18.77 -5.03 -9.92
CA SER A 258 -18.63 -4.27 -11.19
C SER A 258 -18.67 -5.26 -12.37
N ARG A 259 -17.98 -6.40 -12.29
CA ARG A 259 -18.03 -7.46 -13.35
CA ARG A 259 -18.04 -7.41 -13.38
C ARG A 259 -19.46 -7.98 -13.51
N LEU A 260 -20.18 -8.11 -12.40
CA LEU A 260 -21.60 -8.59 -12.40
C LEU A 260 -22.50 -7.65 -13.22
N GLU A 261 -22.25 -6.34 -13.19
CA GLU A 261 -22.98 -5.29 -13.93
C GLU A 261 -22.76 -5.37 -15.45
N THR A 262 -21.63 -5.89 -15.91
CA THR A 262 -21.21 -5.88 -17.34
C THR A 262 -21.26 -7.29 -17.91
N ILE A 263 -21.79 -8.27 -17.18
CA ILE A 263 -21.92 -9.69 -17.66
C ILE A 263 -22.84 -9.70 -18.88
N PRO A 264 -22.51 -10.48 -19.94
CA PRO A 264 -23.39 -10.59 -21.10
C PRO A 264 -24.77 -11.08 -20.67
N ALA A 265 -25.81 -10.41 -21.18
CA ALA A 265 -27.23 -10.77 -20.96
C ALA A 265 -27.61 -11.91 -21.88
N ASP A 266 -27.10 -13.10 -21.64
CA ASP A 266 -27.37 -14.31 -22.45
C ASP A 266 -27.15 -15.52 -21.53
N ARG A 267 -27.44 -16.70 -22.04
CA ARG A 267 -27.40 -17.97 -21.28
CA ARG A 267 -27.40 -17.97 -21.25
C ARG A 267 -26.00 -18.16 -20.67
N GLY A 268 -24.95 -17.89 -21.43
CA GLY A 268 -23.57 -17.96 -20.92
C GLY A 268 -23.37 -17.06 -19.72
N GLY A 269 -23.95 -15.87 -19.74
CA GLY A 269 -23.83 -14.90 -18.65
C GLY A 269 -24.57 -15.31 -17.40
N ILE A 270 -25.74 -15.94 -17.53
CA ILE A 270 -26.53 -16.50 -16.38
C ILE A 270 -25.60 -17.37 -15.51
N SER A 271 -24.91 -18.33 -16.12
CA SER A 271 -24.01 -19.28 -15.43
C SER A 271 -22.89 -18.53 -14.72
N GLU A 272 -22.27 -17.59 -15.42
CA GLU A 272 -21.20 -16.77 -14.83
C GLU A 272 -21.76 -15.93 -13.66
N ALA A 273 -22.93 -15.34 -13.81
CA ALA A 273 -23.56 -14.50 -12.77
C ALA A 273 -23.78 -15.32 -11.49
N ALA A 274 -24.14 -16.60 -11.64
CA ALA A 274 -24.41 -17.54 -10.52
C ALA A 274 -23.12 -17.78 -9.73
N ALA A 275 -22.01 -18.03 -10.43
CA ALA A 275 -20.66 -18.25 -9.84
C ALA A 275 -20.17 -16.98 -9.13
N ILE A 276 -20.28 -15.81 -9.77
CA ILE A 276 -19.87 -14.50 -9.20
C ILE A 276 -20.75 -14.13 -7.99
N GLY A 277 -22.03 -14.44 -8.04
CA GLY A 277 -22.91 -14.33 -6.87
C GLY A 277 -22.50 -15.25 -5.75
N GLY A 278 -22.01 -16.44 -6.08
CA GLY A 278 -21.46 -17.37 -5.08
C GLY A 278 -20.28 -16.74 -4.37
N LEU A 279 -19.35 -16.13 -5.12
CA LEU A 279 -18.11 -15.54 -4.57
C LEU A 279 -18.47 -14.30 -3.74
N LEU A 280 -19.37 -13.46 -4.23
CA LEU A 280 -19.85 -12.24 -3.54
C LEU A 280 -20.42 -12.62 -2.18
N THR A 281 -21.28 -13.65 -2.17
CA THR A 281 -21.97 -14.13 -0.96
C THR A 281 -20.93 -14.63 0.04
N THR A 282 -20.01 -15.47 -0.41
CA THR A 282 -18.98 -16.11 0.46
C THR A 282 -18.06 -15.01 1.04
N LEU A 283 -17.59 -14.10 0.21
CA LEU A 283 -16.69 -12.99 0.60
C LEU A 283 -17.39 -12.03 1.57
N TYR A 284 -18.69 -11.78 1.38
CA TYR A 284 -19.46 -10.89 2.28
C TYR A 284 -19.52 -11.52 3.67
N ARG A 285 -19.71 -12.82 3.68
CA ARG A 285 -19.75 -13.57 4.95
C ARG A 285 -18.38 -13.51 5.60
N LYS A 286 -17.31 -13.76 4.86
CA LYS A 286 -15.94 -13.68 5.43
C LYS A 286 -15.70 -12.31 6.04
N ARG A 287 -16.11 -11.25 5.36
CA ARG A 287 -15.78 -9.87 5.77
C ARG A 287 -16.55 -9.48 7.04
N GLU A 288 -17.74 -10.04 7.27
CA GLU A 288 -18.54 -9.78 8.50
C GLU A 288 -17.87 -10.45 9.70
N LYS A 289 -17.22 -11.61 9.53
CA LYS A 289 -16.42 -12.26 10.61
C LYS A 289 -15.25 -11.35 10.97
N VAL A 290 -14.54 -10.84 9.96
CA VAL A 290 -13.36 -9.92 10.13
C VAL A 290 -13.82 -8.62 10.81
N ARG A 291 -14.93 -8.03 10.38
CA ARG A 291 -15.55 -6.85 11.05
C ARG A 291 -15.82 -7.18 12.52
N GLU A 292 -16.41 -8.34 12.82
CA GLU A 292 -16.83 -8.78 14.18
C GLU A 292 -15.61 -8.91 15.10
N HIS A 293 -14.41 -9.12 14.56
CA HIS A 293 -13.15 -9.29 15.34
C HIS A 293 -12.46 -7.96 15.62
N PHE A 294 -12.85 -6.87 14.93
CA PHE A 294 -12.15 -5.55 14.98
C PHE A 294 -12.01 -5.03 16.41
N HIS A 295 -13.11 -4.91 17.14
CA HIS A 295 -13.18 -4.22 18.46
C HIS A 295 -12.26 -4.88 19.50
N GLU A 296 -12.24 -6.21 19.56
CA GLU A 296 -11.37 -6.98 20.48
C GLU A 296 -9.92 -6.69 20.10
N ILE A 297 -9.64 -6.67 18.80
CA ILE A 297 -8.25 -6.48 18.29
C ILE A 297 -7.78 -5.04 18.56
N PHE A 298 -8.62 -4.02 18.33
CA PHE A 298 -8.30 -2.62 18.64
C PHE A 298 -8.13 -2.41 20.15
N SER A 299 -9.03 -2.99 20.97
CA SER A 299 -8.93 -2.95 22.45
C SER A 299 -7.56 -3.45 22.91
N GLY A 300 -7.09 -4.56 22.34
CA GLY A 300 -5.78 -5.14 22.67
C GLY A 300 -4.66 -4.18 22.35
N PHE A 301 -4.73 -3.52 21.19
CA PHE A 301 -3.72 -2.51 20.75
C PHE A 301 -3.77 -1.25 21.64
N ASP A 302 -4.96 -0.78 22.01
CA ASP A 302 -5.17 0.40 22.87
C ASP A 302 -4.94 0.00 24.34
N SER A 303 -3.69 -0.22 24.72
CA SER A 303 -3.32 -0.79 26.04
C SER A 303 -2.16 -0.02 26.65
N ASN A 304 -1.87 -0.29 27.92
CA ASN A 304 -0.67 0.19 28.63
C ASN A 304 0.57 -0.24 27.84
N GLU A 305 0.61 -1.51 27.44
CA GLU A 305 1.78 -2.13 26.77
C GLU A 305 2.16 -1.33 25.50
N THR A 306 1.18 -0.88 24.74
CA THR A 306 1.40 -0.11 23.49
C THR A 306 2.08 1.22 23.84
N GLY A 307 1.48 1.98 24.75
CA GLY A 307 2.03 3.25 25.25
C GLY A 307 3.47 3.08 25.70
N GLU A 308 3.74 2.00 26.42
CA GLU A 308 5.06 1.68 27.02
C GLU A 308 6.08 1.47 25.89
N LEU A 309 5.76 0.58 24.95
CA LEU A 309 6.66 0.21 23.81
C LEU A 309 7.00 1.48 23.01
N PHE A 310 6.05 2.39 22.81
CA PHE A 310 6.26 3.65 22.04
C PHE A 310 7.16 4.62 22.84
N ASP A 311 7.00 4.69 24.15
CA ASP A 311 7.86 5.52 25.04
C ASP A 311 9.29 5.00 24.97
N GLU A 312 9.47 3.67 25.04
CA GLU A 312 10.78 2.99 24.90
C GLU A 312 11.41 3.30 23.54
N LEU A 313 10.62 3.27 22.46
CA LEU A 313 11.13 3.51 21.08
C LEU A 313 11.74 4.90 21.00
N LEU A 314 11.01 5.90 21.52
CA LEU A 314 11.21 7.34 21.24
C LEU A 314 12.02 8.00 22.36
N THR A 315 12.61 7.22 23.28
CA THR A 315 13.18 7.72 24.56
C THR A 315 14.26 8.79 24.29
N GLY A 316 14.06 9.99 24.89
CA GLY A 316 14.99 11.13 24.91
C GLY A 316 15.08 11.87 23.58
N LEU A 317 14.00 11.92 22.76
CA LEU A 317 14.01 12.60 21.43
C LEU A 317 13.19 13.89 21.48
C1 EDO B . 5.60 10.45 -14.98
O1 EDO B . 4.40 11.16 -15.18
C2 EDO B . 5.47 9.06 -15.44
O2 EDO B . 5.39 8.92 -16.84
C1 EDO C . 3.67 -9.35 -13.20
O1 EDO C . 3.27 -9.54 -14.55
C2 EDO C . 5.12 -9.11 -13.06
O2 EDO C . 5.52 -8.73 -11.75
C1 EDO D . 10.33 24.78 -7.45
O1 EDO D . 10.32 26.14 -7.09
C2 EDO D . 11.68 24.27 -7.71
O2 EDO D . 12.52 24.38 -6.58
C1 EDO E . 17.31 22.31 -4.65
O1 EDO E . 16.42 23.17 -5.32
C2 EDO E . 17.13 22.35 -3.17
O2 EDO E . 17.66 21.20 -2.50
O01 9PI F . -4.64 -1.99 -3.55
P02 9PI F . -3.34 -2.41 -2.90
O03 9PI F . -2.51 -1.10 -2.47
P04 9PI F . -3.19 0.28 -1.92
O05 9PI F . -2.55 1.46 -2.65
O06 9PI F . -4.67 0.25 -2.23
O07 9PI F . -2.91 0.34 -0.43
O08 9PI F . -2.48 -3.27 -4.01
P09 9PI F . -1.12 -4.04 -3.58
O10 9PI F . 0.03 -3.70 -4.51
O11 9PI F . -0.84 -3.50 -2.07
P12 9PI F . -0.07 -4.36 -0.96
O13 9PI F . 1.40 -4.06 -1.14
O14 9PI F . -0.51 -3.92 0.53
P15 9PI F . 0.21 -4.71 1.73
O16 9PI F . -0.26 -6.14 1.76
O17 9PI F . 1.80 -4.66 1.44
P18 9PI F . 2.92 -4.42 2.58
O19 9PI F . 2.48 -5.11 3.86
O20 9PI F . 4.33 -5.02 2.06
P21 9PI F . 5.34 -5.76 3.07
O22 9PI F . 4.85 -7.19 3.18
O23 9PI F . 5.29 -5.03 4.52
P24 9PI F . 5.73 -5.70 5.94
O25 9PI F . 5.08 -7.18 6.12
P26 9PI F . 5.94 -8.57 6.12
O27 9PI F . 5.01 -9.76 6.07
O28 9PI F . 6.76 -8.61 7.40
O29 9PI F . 6.88 -8.58 4.94
O30 9PI F . 5.19 -4.82 7.05
O31 9PI F . 7.24 -5.78 6.02
O32 9PI F . 6.73 -5.71 2.49
O33 9PI F . 3.10 -2.94 2.77
O34 9PI F . -0.12 -4.08 3.07
O35 9PI F . -0.36 -5.84 -1.16
O36 9PI F . -1.38 -5.53 -3.61
O37 9PI F . -3.57 -3.24 -1.67
PG 3PO G . -3.66 17.92 12.09
O1G 3PO G . -2.67 17.63 11.01
O2G 3PO G . -4.37 19.23 11.88
O3G 3PO G . -3.07 17.80 13.48
PB 3PO G . -6.32 16.81 11.55
O1B 3PO G . -6.37 17.29 10.15
O2B 3PO G . -7.07 17.54 12.63
O3B 3PO G . -4.78 16.75 11.98
PA 3PO G . -8.29 14.59 11.53
O1A 3PO G . -8.39 13.88 10.19
O2A 3PO G . -8.36 13.65 12.70
O3A 3PO G . -6.81 15.27 11.59
O5' 3PO G . -9.29 15.73 11.65
P PO4 H . 21.60 17.55 3.28
O1 PO4 H . 22.09 18.88 2.70
O2 PO4 H . 22.73 16.51 3.16
O3 PO4 H . 21.22 17.75 4.74
O4 PO4 H . 20.40 17.06 2.47
#